data_5QQ9
#
_entry.id   5QQ9
#
_cell.length_a   57.677
_cell.length_b   57.677
_cell.length_c   395.936
_cell.angle_alpha   90.000
_cell.angle_beta   90.000
_cell.angle_gamma   120.000
#
_symmetry.space_group_name_H-M   'P 61 2 2'
#
loop_
_entity.id
_entity.type
_entity.pdbx_description
1 polymer 'Farnesyl diphosphate synthase'
2 non-polymer 'SULFATE ION'
3 non-polymer 'ACETATE ION'
4 non-polymer 'ZINC ION'
5 non-polymer 2-[(2R,5R,6S)-5-hydroxy-1,2,4,5,6,7-hexahydro-3H-2,6-methanoazocino[5,4-b]indol-3-yl]acetamide
6 water water
#
_entity_poly.entity_id   1
_entity_poly.type   'polypeptide(L)'
_entity_poly.pdbx_seq_one_letter_code
;GPMASMERFLSVYDEVQAFLLDQLQSKYEIDPNRARYLRIMMDTTCLGGKYFRGMTVVNVAEGFLAVTQHDEATKERILH
DACVGGWMIEFLQAHYLVEDDIMDGSVMRRGKPCWYRFPGVTTQCAINDGIILKSWTQIMAWHYFADRPFLKDLLCLFQK
VDYATAVGQMYDVTSMCDSNKLDPEVAQPMTTDFAEFTPAIYKRIVKYKTTFYTYLLPLVMGLLVSEAAASVEMNLVERV
AHLIGEYFQVQDDVMDCFTPPEQLGKVGTDIEDAKCSWLAVTFLGKANAAQVAEFKANYGEKDPAKVAVVKRLYSKANLQ
ADFAAYEAEVVREVESLIEQLKVKSPTFAESVAVVWEKTHKRKK
;
_entity_poly.pdbx_strand_id   A
#
# COMPACT_ATOMS: atom_id res chain seq x y z
N MET A 3 -13.05 -12.96 -21.10
CA MET A 3 -12.78 -13.21 -19.63
C MET A 3 -12.79 -11.89 -18.82
N ALA A 4 -13.70 -11.81 -17.82
CA ALA A 4 -13.72 -10.70 -16.86
C ALA A 4 -12.34 -10.69 -16.19
N SER A 5 -11.89 -9.51 -15.91
CA SER A 5 -10.50 -9.35 -15.50
C SER A 5 -10.22 -10.00 -14.18
N MET A 6 -11.17 -9.90 -13.26
CA MET A 6 -10.99 -10.48 -11.90
C MET A 6 -10.80 -11.99 -11.98
N GLU A 7 -11.64 -12.65 -12.79
CA GLU A 7 -11.65 -14.08 -12.93
C GLU A 7 -10.33 -14.50 -13.45
N ARG A 8 -9.76 -13.71 -14.39
CA ARG A 8 -8.50 -14.04 -14.93
C ARG A 8 -7.40 -13.90 -13.83
N PHE A 9 -7.49 -12.79 -13.14
CA PHE A 9 -6.54 -12.51 -12.06
C PHE A 9 -6.50 -13.58 -11.02
N LEU A 10 -7.69 -13.96 -10.56
CA LEU A 10 -7.78 -15.08 -9.60
C LEU A 10 -7.34 -16.41 -10.08
N SER A 11 -7.63 -16.79 -11.37
CA SER A 11 -7.08 -17.99 -11.92
C SER A 11 -5.61 -18.05 -11.94
N VAL A 12 -4.95 -16.88 -12.24
CA VAL A 12 -3.53 -16.84 -12.28
C VAL A 12 -2.94 -16.99 -10.84
N TYR A 13 -3.68 -16.55 -9.83
CA TYR A 13 -3.28 -16.89 -8.44
C TYR A 13 -3.11 -18.40 -8.32
N ASP A 14 -4.11 -19.18 -8.73
CA ASP A 14 -3.95 -20.60 -8.57
C ASP A 14 -2.79 -21.17 -9.30
N GLU A 15 -2.52 -20.65 -10.50
CA GLU A 15 -1.44 -21.08 -11.34
C GLU A 15 -0.05 -20.85 -10.66
N VAL A 16 0.05 -19.62 -10.19
CA VAL A 16 1.31 -19.20 -9.56
C VAL A 16 1.52 -19.98 -8.25
N GLN A 17 0.48 -20.12 -7.44
CA GLN A 17 0.57 -20.96 -6.27
C GLN A 17 1.06 -22.35 -6.57
N ALA A 18 0.45 -23.00 -7.58
CA ALA A 18 0.86 -24.33 -7.94
C ALA A 18 2.29 -24.40 -8.42
N PHE A 19 2.71 -23.43 -9.22
CA PHE A 19 4.04 -23.31 -9.64
C PHE A 19 5.04 -23.23 -8.44
N LEU A 20 4.74 -22.35 -7.51
CA LEU A 20 5.73 -22.09 -6.40
C LEU A 20 5.77 -23.40 -5.55
N LEU A 21 4.61 -23.97 -5.23
CA LEU A 21 4.59 -25.16 -4.32
C LEU A 21 5.16 -26.37 -5.02
N ASP A 22 4.86 -26.52 -6.33
CA ASP A 22 5.45 -27.64 -7.06
C ASP A 22 6.96 -27.51 -7.10
N GLN A 23 7.48 -26.29 -7.28
CA GLN A 23 8.90 -26.05 -7.35
C GLN A 23 9.53 -26.31 -5.94
N LEU A 24 8.84 -26.01 -4.87
CA LEU A 24 9.38 -26.34 -3.57
C LEU A 24 9.56 -27.84 -3.38
N GLN A 25 8.66 -28.58 -3.92
CA GLN A 25 8.77 -30.07 -3.86
C GLN A 25 9.82 -30.65 -4.83
N SER A 26 9.91 -30.11 -6.03
CA SER A 26 10.83 -30.68 -7.01
C SER A 26 12.23 -30.20 -6.90
N LYS A 27 12.46 -29.04 -6.30
CA LYS A 27 13.78 -28.47 -6.17
C LYS A 27 14.25 -28.15 -4.75
N TYR A 28 13.31 -28.00 -3.81
CA TYR A 28 13.70 -27.48 -2.46
C TYR A 28 13.48 -28.52 -1.39
N GLU A 29 13.19 -29.73 -1.84
CA GLU A 29 13.08 -30.92 -0.98
C GLU A 29 12.02 -30.76 0.08
N ILE A 30 10.98 -29.99 -0.20
CA ILE A 30 9.96 -29.78 0.78
C ILE A 30 9.06 -31.02 0.90
N ASP A 31 8.52 -31.20 2.09
CA ASP A 31 7.63 -32.26 2.47
C ASP A 31 6.23 -31.72 2.44
N PRO A 32 5.21 -32.60 2.38
CA PRO A 32 3.86 -32.11 2.13
C PRO A 32 3.20 -31.27 3.21
N ASN A 33 3.56 -31.50 4.46
CA ASN A 33 3.04 -30.78 5.52
C ASN A 33 3.58 -29.30 5.53
N ARG A 34 4.87 -29.17 5.22
CA ARG A 34 5.38 -27.80 5.10
C ARG A 34 4.86 -27.10 3.84
N ALA A 35 4.66 -27.85 2.74
CA ALA A 35 3.94 -27.27 1.61
C ALA A 35 2.59 -26.80 1.92
N ARG A 36 1.85 -27.59 2.70
CA ARG A 36 0.53 -27.17 3.13
C ARG A 36 0.61 -25.91 4.01
N TYR A 37 1.58 -25.89 4.92
CA TYR A 37 1.73 -24.71 5.79
C TYR A 37 1.98 -23.46 4.90
N LEU A 38 2.83 -23.60 3.89
CA LEU A 38 3.11 -22.46 2.98
C LEU A 38 1.97 -22.07 2.10
N ARG A 39 1.17 -23.05 1.67
CA ARG A 39 -0.09 -22.80 1.00
C ARG A 39 -1.07 -22.04 1.77
N ILE A 40 -1.25 -22.43 3.07
CA ILE A 40 -2.16 -21.73 3.92
C ILE A 40 -1.64 -20.30 4.28
N MET A 41 -0.33 -20.18 4.42
CA MET A 41 0.24 -18.89 4.68
C MET A 41 0.00 -17.96 3.48
N MET A 42 0.25 -18.51 2.30
CA MET A 42 0.04 -17.71 1.11
C MET A 42 -1.42 -17.24 0.97
N ASP A 43 -2.33 -18.18 1.14
CA ASP A 43 -3.72 -17.86 1.04
C ASP A 43 -4.17 -16.87 2.09
N THR A 44 -3.71 -17.09 3.33
CA THR A 44 -4.11 -16.19 4.40
C THR A 44 -3.59 -14.75 4.24
N THR A 45 -2.42 -14.60 3.68
CA THR A 45 -1.77 -13.36 3.71
C THR A 45 -2.01 -12.60 2.42
N CYS A 46 -2.29 -13.35 1.37
CA CYS A 46 -2.39 -12.74 -0.01
C CYS A 46 -3.83 -12.55 -0.49
N LEU A 47 -4.75 -13.32 0.03
CA LEU A 47 -6.09 -13.25 -0.44
C LEU A 47 -7.02 -12.60 0.57
N GLY A 48 -8.16 -12.16 0.08
CA GLY A 48 -9.16 -11.51 0.94
C GLY A 48 -9.30 -10.03 0.87
N GLY A 49 -8.37 -9.31 0.25
CA GLY A 49 -8.56 -7.90 0.05
C GLY A 49 -9.33 -7.66 -1.25
N LYS A 50 -9.22 -6.44 -1.77
CA LYS A 50 -9.90 -5.97 -2.93
C LYS A 50 -9.04 -6.16 -4.22
N TYR A 51 -7.79 -6.46 -4.02
CA TYR A 51 -6.85 -6.66 -5.09
C TYR A 51 -6.75 -5.42 -5.95
N PHE A 52 -6.93 -4.26 -5.34
CA PHE A 52 -6.83 -3.00 -6.09
C PHE A 52 -5.47 -2.85 -6.79
N ARG A 53 -4.37 -3.06 -6.07
CA ARG A 53 -3.05 -2.90 -6.62
C ARG A 53 -2.85 -3.82 -7.83
N GLY A 54 -3.11 -5.09 -7.68
CA GLY A 54 -2.86 -6.03 -8.77
C GLY A 54 -3.76 -5.78 -9.96
N MET A 55 -5.03 -5.56 -9.71
CA MET A 55 -5.95 -5.25 -10.75
C MET A 55 -5.63 -3.99 -11.51
N THR A 56 -5.01 -3.01 -10.88
CA THR A 56 -4.65 -1.81 -11.61
C THR A 56 -3.68 -2.23 -12.76
N VAL A 57 -2.73 -3.12 -12.50
CA VAL A 57 -1.80 -3.57 -13.53
C VAL A 57 -2.61 -4.15 -14.72
N VAL A 58 -3.53 -5.05 -14.42
CA VAL A 58 -4.41 -5.62 -15.42
C VAL A 58 -5.17 -4.53 -16.17
N ASN A 59 -5.76 -3.58 -15.43
CA ASN A 59 -6.60 -2.56 -16.02
C ASN A 59 -5.80 -1.63 -16.94
N VAL A 60 -4.56 -1.33 -16.57
CA VAL A 60 -3.75 -0.52 -17.42
C VAL A 60 -3.38 -1.30 -18.66
N ALA A 61 -3.04 -2.58 -18.51
CA ALA A 61 -2.68 -3.38 -19.71
C ALA A 61 -3.89 -3.51 -20.67
N GLU A 62 -5.09 -3.74 -20.11
CA GLU A 62 -6.33 -3.81 -20.86
C GLU A 62 -6.59 -2.56 -21.64
N GLY A 63 -6.34 -1.39 -21.05
CA GLY A 63 -6.50 -0.06 -21.76
C GLY A 63 -5.69 -0.11 -23.03
N PHE A 64 -4.47 -0.58 -22.95
CA PHE A 64 -3.61 -0.57 -24.12
C PHE A 64 -3.97 -1.55 -25.12
N LEU A 65 -4.47 -2.69 -24.69
CA LEU A 65 -4.82 -3.73 -25.65
C LEU A 65 -5.96 -3.19 -26.51
N ALA A 66 -6.81 -2.36 -25.92
CA ALA A 66 -8.02 -1.89 -26.64
C ALA A 66 -7.67 -1.02 -27.81
N VAL A 67 -6.47 -0.45 -27.84
CA VAL A 67 -6.10 0.46 -28.93
C VAL A 67 -4.94 0.01 -29.75
N THR A 68 -4.50 -1.22 -29.60
CA THR A 68 -3.27 -1.70 -30.17
C THR A 68 -3.66 -2.93 -31.01
N GLN A 69 -2.85 -3.23 -32.01
CA GLN A 69 -3.05 -4.43 -32.80
C GLN A 69 -2.10 -5.51 -32.29
N HIS A 70 -2.69 -6.67 -31.99
CA HIS A 70 -1.99 -7.82 -31.49
C HIS A 70 -2.75 -9.05 -31.95
N ASP A 71 -1.95 -10.12 -32.19
CA ASP A 71 -2.47 -11.49 -32.27
C ASP A 71 -3.13 -11.82 -30.97
N GLU A 72 -4.15 -12.62 -31.09
CA GLU A 72 -4.84 -13.16 -29.88
C GLU A 72 -3.86 -13.75 -28.87
N ALA A 73 -2.91 -14.55 -29.29
CA ALA A 73 -2.00 -15.15 -28.36
C ALA A 73 -1.18 -14.07 -27.66
N THR A 74 -0.91 -12.96 -28.36
CA THR A 74 -0.11 -11.89 -27.74
C THR A 74 -0.97 -11.17 -26.69
N LYS A 75 -2.26 -11.01 -26.99
CA LYS A 75 -3.14 -10.34 -26.02
C LYS A 75 -3.17 -11.22 -24.75
N GLU A 76 -3.33 -12.55 -24.92
CA GLU A 76 -3.31 -13.46 -23.75
C GLU A 76 -2.01 -13.41 -23.00
N ARG A 77 -0.88 -13.31 -23.68
CA ARG A 77 0.41 -13.27 -23.03
C ARG A 77 0.54 -11.95 -22.21
N ILE A 78 0.17 -10.80 -22.81
CA ILE A 78 0.19 -9.55 -22.12
C ILE A 78 -0.74 -9.59 -20.90
N LEU A 79 -1.93 -10.07 -21.05
CA LEU A 79 -2.86 -10.16 -19.84
C LEU A 79 -2.34 -11.12 -18.83
N HIS A 80 -1.75 -12.24 -19.24
CA HIS A 80 -1.12 -13.14 -18.26
C HIS A 80 0.01 -12.46 -17.52
N ASP A 81 0.89 -11.83 -18.26
CA ASP A 81 1.96 -11.03 -17.64
C ASP A 81 1.45 -9.97 -16.68
N ALA A 82 0.41 -9.27 -17.07
CA ALA A 82 -0.18 -8.24 -16.20
C ALA A 82 -0.68 -8.88 -14.90
N CYS A 83 -1.35 -10.05 -15.00
CA CYS A 83 -1.78 -10.80 -13.78
C CYS A 83 -0.62 -11.22 -12.92
N VAL A 84 0.43 -11.78 -13.48
CA VAL A 84 1.55 -12.20 -12.71
C VAL A 84 2.21 -10.96 -12.05
N GLY A 85 2.34 -9.88 -12.81
CA GLY A 85 2.90 -8.61 -12.30
C GLY A 85 2.04 -8.08 -11.11
N GLY A 86 0.77 -8.16 -11.25
CA GLY A 86 -0.25 -7.76 -10.24
C GLY A 86 -0.11 -8.60 -9.02
N TRP A 87 0.10 -9.89 -9.17
CA TRP A 87 0.40 -10.76 -8.03
C TRP A 87 1.74 -10.46 -7.37
N MET A 88 2.74 -10.07 -8.15
CA MET A 88 3.99 -9.61 -7.48
C MET A 88 3.65 -8.49 -6.49
N ILE A 89 2.81 -7.55 -6.88
CA ILE A 89 2.56 -6.41 -6.05
C ILE A 89 1.74 -6.82 -4.81
N GLU A 90 0.76 -7.71 -5.07
CA GLU A 90 -0.12 -8.25 -3.98
C GLU A 90 0.79 -8.96 -2.96
N PHE A 91 1.72 -9.74 -3.43
CA PHE A 91 2.63 -10.50 -2.54
C PHE A 91 3.61 -9.57 -1.84
N LEU A 92 3.98 -8.48 -2.49
CA LEU A 92 4.82 -7.47 -1.84
C LEU A 92 4.02 -6.80 -0.71
N GLN A 93 2.82 -6.46 -1.02
CA GLN A 93 1.93 -5.92 0.06
C GLN A 93 1.76 -6.91 1.22
N ALA A 94 1.57 -8.16 0.89
CA ALA A 94 1.45 -9.21 1.89
C ALA A 94 2.63 -9.32 2.82
N HIS A 95 3.85 -9.25 2.25
CA HIS A 95 5.09 -9.13 3.01
C HIS A 95 5.01 -7.94 4.01
N TYR A 96 4.69 -6.75 3.52
CA TYR A 96 4.69 -5.59 4.35
C TYR A 96 3.63 -5.73 5.48
N LEU A 97 2.47 -6.27 5.18
CA LEU A 97 1.39 -6.36 6.19
C LEU A 97 1.78 -7.36 7.26
N VAL A 98 2.32 -8.50 6.87
CA VAL A 98 2.81 -9.48 7.84
C VAL A 98 3.84 -8.84 8.77
N GLU A 99 4.82 -8.14 8.21
CA GLU A 99 5.94 -7.71 9.04
C GLU A 99 5.44 -6.47 9.85
N ASP A 100 4.62 -5.61 9.26
CA ASP A 100 4.08 -4.44 9.92
C ASP A 100 3.20 -4.81 11.06
N ASP A 101 2.40 -5.90 10.90
CA ASP A 101 1.48 -6.29 11.98
C ASP A 101 2.33 -6.77 13.15
N ILE A 102 3.46 -7.43 12.90
CA ILE A 102 4.35 -7.87 13.98
C ILE A 102 5.01 -6.70 14.58
N MET A 103 5.55 -5.80 13.75
CA MET A 103 6.22 -4.60 14.26
C MET A 103 5.35 -3.77 15.17
N ASP A 104 4.05 -3.71 14.82
CA ASP A 104 3.09 -2.81 15.49
C ASP A 104 2.33 -3.50 16.59
N GLY A 105 2.52 -4.79 16.76
CA GLY A 105 1.74 -5.60 17.66
C GLY A 105 0.26 -5.54 17.41
N SER A 106 -0.10 -5.55 16.15
CA SER A 106 -1.48 -5.49 15.72
C SER A 106 -2.20 -6.77 16.02
N VAL A 107 -3.54 -6.68 16.19
CA VAL A 107 -4.34 -7.82 16.59
C VAL A 107 -5.14 -8.43 15.45
N MET A 108 -5.78 -7.60 14.67
CA MET A 108 -6.62 -8.04 13.56
C MET A 108 -6.22 -7.40 12.25
N ARG A 109 -6.54 -8.09 11.15
CA ARG A 109 -6.31 -7.58 9.78
C ARG A 109 -7.43 -8.25 8.92
N ARG A 110 -8.25 -7.43 8.27
CA ARG A 110 -9.36 -7.95 7.40
C ARG A 110 -10.34 -8.88 8.21
N GLY A 111 -10.70 -8.51 9.44
CA GLY A 111 -11.60 -9.32 10.26
C GLY A 111 -11.09 -10.64 10.78
N LYS A 112 -9.80 -10.90 10.65
CA LYS A 112 -9.19 -12.13 11.14
C LYS A 112 -7.92 -11.78 11.86
N PRO A 113 -7.36 -12.73 12.63
CA PRO A 113 -6.20 -12.46 13.43
C PRO A 113 -5.05 -12.18 12.45
N CYS A 114 -4.19 -11.29 12.85
CA CYS A 114 -2.96 -11.14 12.10
C CYS A 114 -2.23 -12.49 12.04
N TRP A 115 -1.50 -12.71 10.94
CA TRP A 115 -0.85 -13.98 10.70
C TRP A 115 0.04 -14.43 11.82
N TYR A 116 0.84 -13.55 12.41
CA TYR A 116 1.71 -13.96 13.51
C TYR A 116 0.98 -14.54 14.76
N ARG A 117 -0.26 -14.15 14.86
CA ARG A 117 -1.13 -14.57 15.98
C ARG A 117 -1.75 -15.89 15.75
N PHE A 118 -1.68 -16.49 14.55
CA PHE A 118 -2.21 -17.84 14.44
C PHE A 118 -1.45 -18.81 15.37
N PRO A 119 -2.16 -19.72 16.00
CA PRO A 119 -1.48 -20.53 17.04
C PRO A 119 -0.27 -21.36 16.66
N GLY A 120 -0.29 -21.83 15.41
CA GLY A 120 0.77 -22.59 14.81
C GLY A 120 1.80 -21.81 14.01
N VAL A 121 1.81 -20.49 14.17
CA VAL A 121 2.69 -19.61 13.37
C VAL A 121 3.65 -19.06 14.42
N THR A 122 3.18 -18.07 15.16
CA THR A 122 4.01 -17.31 16.13
C THR A 122 4.95 -16.35 15.41
N THR A 123 5.46 -15.37 16.11
CA THR A 123 6.40 -14.39 15.53
C THR A 123 7.59 -15.09 14.95
N GLN A 124 8.04 -16.13 15.61
CA GLN A 124 9.29 -16.79 15.21
C GLN A 124 9.15 -17.28 13.75
N CYS A 125 8.03 -17.85 13.41
CA CYS A 125 7.77 -18.29 12.02
C CYS A 125 7.35 -17.13 11.14
N ALA A 126 6.47 -16.26 11.66
CA ALA A 126 5.83 -15.22 10.83
C ALA A 126 6.85 -14.24 10.24
N ILE A 127 7.93 -13.86 10.95
CA ILE A 127 8.94 -12.92 10.37
C ILE A 127 9.46 -13.60 9.11
N ASN A 128 9.83 -14.88 9.25
CA ASN A 128 10.35 -15.62 8.13
C ASN A 128 9.35 -15.78 7.02
N ASP A 129 8.07 -16.04 7.35
CA ASP A 129 7.01 -16.16 6.34
C ASP A 129 6.87 -14.90 5.51
N GLY A 130 6.98 -13.76 6.17
CA GLY A 130 7.02 -12.52 5.48
C GLY A 130 8.19 -12.38 4.55
N ILE A 131 9.32 -12.86 5.00
CA ILE A 131 10.53 -12.92 4.08
C ILE A 131 10.25 -13.73 2.82
N ILE A 132 9.65 -14.87 3.05
CA ILE A 132 9.35 -15.82 1.91
C ILE A 132 8.42 -15.10 0.97
N LEU A 133 7.38 -14.44 1.48
CA LEU A 133 6.41 -13.68 0.64
C LEU A 133 7.12 -12.80 -0.36
N LYS A 134 8.05 -12.00 0.15
CA LYS A 134 8.75 -11.11 -0.79
C LYS A 134 9.66 -11.92 -1.74
N SER A 135 10.30 -12.98 -1.23
CA SER A 135 11.14 -13.86 -2.15
C SER A 135 10.30 -14.40 -3.27
N TRP A 136 9.08 -14.79 -3.00
CA TRP A 136 8.18 -15.28 -4.03
C TRP A 136 7.92 -14.30 -5.14
N THR A 137 7.94 -12.98 -4.82
CA THR A 137 7.81 -11.98 -5.89
C THR A 137 8.92 -12.17 -6.95
N GLN A 138 10.13 -12.42 -6.49
CA GLN A 138 11.29 -12.56 -7.36
C GLN A 138 11.26 -13.90 -8.10
N ILE A 139 10.85 -14.94 -7.40
CA ILE A 139 10.76 -16.25 -8.08
C ILE A 139 9.75 -16.12 -9.18
N MET A 140 8.59 -15.47 -8.96
CA MET A 140 7.56 -15.30 -9.99
C MET A 140 8.14 -14.56 -11.19
N ALA A 141 8.83 -13.45 -10.94
CA ALA A 141 9.33 -12.61 -12.01
C ALA A 141 10.33 -13.41 -12.90
N TRP A 142 11.32 -14.02 -12.27
CA TRP A 142 12.36 -14.73 -13.01
C TRP A 142 11.76 -15.90 -13.83
N HIS A 143 10.80 -16.59 -13.25
CA HIS A 143 10.20 -17.73 -13.99
C HIS A 143 9.30 -17.21 -15.11
N TYR A 144 8.33 -16.36 -14.85
CA TYR A 144 7.37 -15.97 -15.88
C TYR A 144 7.89 -14.99 -16.93
N PHE A 145 8.86 -14.18 -16.53
CA PHE A 145 9.38 -13.10 -17.33
C PHE A 145 10.81 -13.25 -17.82
N ALA A 146 11.35 -14.46 -17.72
CA ALA A 146 12.75 -14.75 -18.03
C ALA A 146 13.24 -14.18 -19.39
N ASP A 147 12.45 -14.31 -20.36
CA ASP A 147 12.92 -13.86 -21.69
C ASP A 147 12.25 -12.54 -22.12
N ARG A 148 11.50 -11.91 -21.20
CA ARG A 148 10.78 -10.72 -21.55
C ARG A 148 11.67 -9.44 -21.68
N PRO A 149 11.42 -8.59 -22.71
CA PRO A 149 12.22 -7.40 -22.89
C PRO A 149 12.12 -6.42 -21.76
N PHE A 150 10.99 -6.42 -21.04
CA PHE A 150 10.79 -5.53 -19.89
C PHE A 150 11.39 -6.07 -18.56
N LEU A 151 11.90 -7.30 -18.50
CA LEU A 151 12.32 -7.84 -17.19
C LEU A 151 13.28 -6.95 -16.44
N LYS A 152 14.31 -6.42 -17.10
CA LYS A 152 15.27 -5.53 -16.45
C LYS A 152 14.59 -4.34 -15.79
N ASP A 153 13.84 -3.62 -16.60
CA ASP A 153 13.17 -2.45 -16.14
C ASP A 153 12.19 -2.77 -15.02
N LEU A 154 11.46 -3.88 -15.13
CA LEU A 154 10.50 -4.30 -14.08
C LEU A 154 11.19 -4.61 -12.76
N LEU A 155 12.28 -5.35 -12.80
CA LEU A 155 13.03 -5.74 -11.58
C LEU A 155 13.61 -4.52 -10.97
N CYS A 156 14.12 -3.56 -11.80
CA CYS A 156 14.80 -2.36 -11.23
C CYS A 156 13.78 -1.45 -10.52
N LEU A 157 12.63 -1.31 -11.12
CA LEU A 157 11.47 -0.52 -10.62
C LEU A 157 10.98 -1.15 -9.30
N PHE A 158 10.82 -2.48 -9.34
CA PHE A 158 10.28 -3.16 -8.20
C PHE A 158 11.18 -2.98 -7.03
N GLN A 159 12.46 -3.12 -7.27
N GLN A 159 12.48 -3.12 -7.21
CA GLN A 159 13.53 -2.99 -6.30
CA GLN A 159 13.40 -2.98 -6.08
C GLN A 159 13.55 -1.60 -5.62
C GLN A 159 13.37 -1.55 -5.53
N LYS A 160 13.38 -0.58 -6.42
CA LYS A 160 13.34 0.82 -5.94
C LYS A 160 12.07 1.10 -5.16
N VAL A 161 10.96 0.59 -5.64
CA VAL A 161 9.71 0.74 -4.90
C VAL A 161 9.77 0.05 -3.55
N ASP A 162 10.35 -1.14 -3.53
CA ASP A 162 10.38 -1.89 -2.30
C ASP A 162 11.23 -1.09 -1.29
N TYR A 163 12.39 -0.63 -1.70
CA TYR A 163 13.26 0.16 -0.84
C TYR A 163 12.58 1.47 -0.32
N ALA A 164 11.91 2.16 -1.21
CA ALA A 164 11.20 3.37 -0.87
C ALA A 164 10.20 3.01 0.22
N THR A 165 9.55 1.86 0.06
CA THR A 165 8.50 1.41 1.02
C THR A 165 9.12 1.18 2.42
N ALA A 166 10.27 0.51 2.44
CA ALA A 166 10.98 0.24 3.70
C ALA A 166 11.42 1.55 4.40
N VAL A 167 11.92 2.47 3.61
CA VAL A 167 12.27 3.77 4.08
C VAL A 167 11.06 4.48 4.69
N GLY A 168 9.94 4.40 4.03
CA GLY A 168 8.74 4.97 4.50
C GLY A 168 8.21 4.33 5.75
N GLN A 169 8.42 3.05 5.89
CA GLN A 169 8.11 2.41 7.19
C GLN A 169 9.01 3.00 8.31
N MET A 170 10.27 3.26 8.06
CA MET A 170 11.11 3.86 9.05
C MET A 170 10.56 5.24 9.38
N TYR A 171 10.25 6.00 8.37
CA TYR A 171 9.64 7.35 8.63
C TYR A 171 8.36 7.27 9.48
N ASP A 172 7.52 6.31 9.20
CA ASP A 172 6.29 6.13 9.91
C ASP A 172 6.47 5.75 11.40
N VAL A 173 7.26 4.72 11.66
CA VAL A 173 7.46 4.26 13.05
C VAL A 173 8.29 5.18 13.86
N THR A 174 9.02 6.16 13.25
CA THR A 174 9.75 7.14 14.01
C THR A 174 9.07 8.55 14.05
N SER A 175 7.85 8.66 13.56
CA SER A 175 7.24 9.96 13.26
C SER A 175 6.79 10.73 14.56
N MET A 176 6.80 10.02 15.65
CA MET A 176 6.48 10.53 16.99
C MET A 176 7.69 10.77 17.85
N CYS A 177 8.89 10.64 17.29
CA CYS A 177 10.15 10.97 17.94
C CYS A 177 10.51 12.37 17.46
N ASP A 178 11.29 13.06 18.29
CA ASP A 178 11.99 14.21 17.78
C ASP A 178 13.21 13.78 17.05
N SER A 179 13.35 14.25 15.82
CA SER A 179 14.43 13.82 15.02
C SER A 179 15.82 14.05 15.61
N ASN A 180 16.00 15.20 16.29
CA ASN A 180 17.30 15.57 16.90
C ASN A 180 17.70 14.56 18.01
N LYS A 181 16.75 13.82 18.57
CA LYS A 181 17.01 12.83 19.62
C LYS A 181 17.18 11.40 19.19
N LEU A 182 16.84 11.06 17.96
CA LEU A 182 16.93 9.70 17.45
C LEU A 182 18.32 9.19 17.59
N ASP A 183 18.46 8.03 18.21
CA ASP A 183 19.75 7.47 18.57
C ASP A 183 19.63 6.01 18.93
N PRO A 184 20.23 5.10 18.13
CA PRO A 184 20.10 3.67 18.46
C PRO A 184 20.46 3.24 19.88
N GLU A 185 21.39 3.99 20.50
CA GLU A 185 21.85 3.73 21.80
C GLU A 185 20.96 4.17 22.94
N VAL A 186 20.00 5.05 22.66
CA VAL A 186 19.17 5.65 23.73
C VAL A 186 17.67 5.53 23.44
N ALA A 187 16.93 5.01 24.42
CA ALA A 187 15.48 4.87 24.27
C ALA A 187 14.85 6.26 24.10
N GLN A 188 13.78 6.29 23.33
CA GLN A 188 13.26 7.47 22.70
C GLN A 188 12.08 7.98 23.52
N PRO A 189 12.20 9.16 24.16
CA PRO A 189 10.99 9.80 24.71
C PRO A 189 10.20 10.35 23.54
N MET A 190 8.90 10.05 23.43
CA MET A 190 8.08 10.61 22.33
C MET A 190 8.06 12.14 22.38
N THR A 191 7.80 12.76 21.22
CA THR A 191 7.78 14.20 21.13
C THR A 191 6.78 14.78 22.15
N THR A 192 7.22 15.90 22.79
CA THR A 192 6.27 16.70 23.55
C THR A 192 5.78 17.94 22.83
N ASP A 193 6.51 18.44 21.88
CA ASP A 193 6.15 19.66 21.14
C ASP A 193 5.36 19.43 19.87
N PHE A 194 5.40 18.17 19.38
CA PHE A 194 4.73 17.88 18.11
C PHE A 194 5.13 18.78 16.96
N ALA A 195 6.30 19.32 17.00
CA ALA A 195 6.75 20.25 15.98
C ALA A 195 6.88 19.56 14.64
N GLU A 196 7.16 18.25 14.64
CA GLU A 196 7.30 17.57 13.36
C GLU A 196 5.99 17.05 12.83
N PHE A 197 4.84 17.39 13.45
CA PHE A 197 3.55 17.06 12.88
C PHE A 197 3.10 18.16 11.94
N THR A 198 3.66 18.15 10.74
CA THR A 198 3.44 19.18 9.76
C THR A 198 2.93 18.54 8.50
N PRO A 199 2.30 19.36 7.67
CA PRO A 199 1.87 18.82 6.39
C PRO A 199 3.06 18.32 5.59
N ALA A 200 4.17 19.06 5.49
CA ALA A 200 5.26 18.55 4.68
C ALA A 200 5.82 17.23 5.17
N ILE A 201 5.96 17.10 6.48
CA ILE A 201 6.51 15.85 7.06
C ILE A 201 5.57 14.68 6.83
N TYR A 202 4.31 14.89 7.13
CA TYR A 202 3.21 13.94 6.85
C TYR A 202 3.30 13.49 5.41
N LYS A 203 3.44 14.44 4.48
CA LYS A 203 3.55 14.11 3.05
C LYS A 203 4.73 13.24 2.78
N ARG A 204 5.88 13.50 3.42
CA ARG A 204 7.04 12.65 3.26
C ARG A 204 6.74 11.19 3.75
N ILE A 205 6.12 11.03 4.92
CA ILE A 205 5.85 9.72 5.40
C ILE A 205 4.99 8.94 4.39
N VAL A 206 3.93 9.55 3.87
CA VAL A 206 2.89 8.84 3.11
C VAL A 206 3.45 8.52 1.72
N LYS A 207 4.18 9.45 1.18
CA LYS A 207 4.79 9.32 -0.13
C LYS A 207 5.60 8.03 -0.17
N TYR A 208 6.43 7.87 0.83
CA TYR A 208 7.34 6.69 0.88
C TYR A 208 6.62 5.45 1.38
N LYS A 209 5.83 5.53 2.44
CA LYS A 209 5.30 4.34 2.98
C LYS A 209 4.19 3.65 2.17
N THR A 210 3.42 4.40 1.36
CA THR A 210 2.21 3.91 0.74
C THR A 210 2.31 4.20 -0.80
N THR A 211 2.66 5.41 -1.22
CA THR A 211 2.27 5.77 -2.62
C THR A 211 3.07 5.02 -3.67
N PHE A 212 4.31 4.73 -3.38
CA PHE A 212 5.16 4.12 -4.39
C PHE A 212 4.63 2.74 -4.66
N TYR A 213 4.31 1.93 -3.64
CA TYR A 213 3.88 0.52 -3.86
C TYR A 213 2.40 0.39 -4.22
N THR A 214 1.59 1.40 -3.85
CA THR A 214 0.15 1.28 -4.04
C THR A 214 -0.35 1.90 -5.39
N TYR A 215 0.27 2.96 -5.81
CA TYR A 215 -0.06 3.61 -7.06
C TYR A 215 0.99 3.67 -8.08
N LEU A 216 2.21 4.05 -7.75
CA LEU A 216 3.24 4.16 -8.75
C LEU A 216 3.60 2.81 -9.38
N LEU A 217 3.82 1.81 -8.52
CA LEU A 217 4.23 0.50 -9.03
C LEU A 217 3.17 -0.15 -9.91
N PRO A 218 1.88 -0.18 -9.49
CA PRO A 218 0.89 -0.79 -10.40
C PRO A 218 0.72 -0.09 -11.73
N LEU A 219 0.76 1.25 -11.71
CA LEU A 219 0.62 1.99 -12.99
C LEU A 219 1.78 1.72 -13.93
N VAL A 220 2.98 1.88 -13.44
CA VAL A 220 4.22 1.66 -14.22
C VAL A 220 4.36 0.22 -14.64
N MET A 221 4.04 -0.72 -13.75
CA MET A 221 4.06 -2.16 -14.15
C MET A 221 3.13 -2.43 -15.28
N GLY A 222 1.94 -1.87 -15.23
CA GLY A 222 0.98 -2.00 -16.34
C GLY A 222 1.55 -1.45 -17.66
N LEU A 223 2.24 -0.33 -17.59
CA LEU A 223 2.96 0.21 -18.80
C LEU A 223 4.08 -0.72 -19.25
N LEU A 224 4.84 -1.27 -18.33
CA LEU A 224 5.97 -2.11 -18.75
C LEU A 224 5.52 -3.42 -19.38
N VAL A 225 4.48 -4.07 -18.85
CA VAL A 225 4.04 -5.35 -19.39
C VAL A 225 3.34 -5.14 -20.76
N SER A 226 2.86 -3.93 -21.00
CA SER A 226 2.27 -3.47 -22.25
C SER A 226 3.26 -2.98 -23.29
N GLU A 227 4.48 -2.81 -22.92
CA GLU A 227 5.49 -2.22 -23.78
C GLU A 227 5.11 -0.82 -24.17
N ALA A 228 4.63 -0.06 -23.19
CA ALA A 228 3.98 1.24 -23.42
C ALA A 228 4.57 2.37 -22.62
N ALA A 229 5.70 2.18 -22.00
CA ALA A 229 6.26 3.20 -21.13
C ALA A 229 6.71 4.46 -21.88
N ALA A 230 7.17 4.29 -23.12
CA ALA A 230 7.62 5.47 -23.89
C ALA A 230 6.47 6.27 -24.50
N SER A 231 5.24 5.80 -24.36
CA SER A 231 4.05 6.56 -24.70
C SER A 231 3.64 7.63 -23.70
N VAL A 232 4.31 7.69 -22.53
CA VAL A 232 3.85 8.50 -21.40
C VAL A 232 4.99 9.29 -20.80
N GLU A 233 4.62 10.41 -20.22
CA GLU A 233 5.57 11.24 -19.52
C GLU A 233 5.72 10.74 -18.06
N MET A 234 6.84 10.12 -17.74
CA MET A 234 6.95 9.51 -16.45
C MET A 234 6.87 10.50 -15.27
N ASN A 235 7.33 11.74 -15.41
CA ASN A 235 7.17 12.74 -14.35
C ASN A 235 5.71 12.97 -14.01
N LEU A 236 4.86 12.96 -15.03
CA LEU A 236 3.40 13.01 -14.73
C LEU A 236 2.86 11.80 -14.03
N VAL A 237 3.32 10.58 -14.39
CA VAL A 237 2.85 9.40 -13.70
C VAL A 237 3.23 9.52 -12.20
N GLU A 238 4.46 9.94 -11.95
CA GLU A 238 4.96 10.07 -10.58
C GLU A 238 4.10 11.05 -9.84
N ARG A 239 3.85 12.23 -10.44
CA ARG A 239 3.09 13.24 -9.74
C ARG A 239 1.69 12.80 -9.42
N VAL A 240 1.00 12.17 -10.39
CA VAL A 240 -0.34 11.76 -10.12
C VAL A 240 -0.44 10.62 -9.08
N ALA A 241 0.51 9.69 -9.18
CA ALA A 241 0.63 8.59 -8.23
C ALA A 241 0.77 9.16 -6.80
N HIS A 242 1.65 10.16 -6.63
CA HIS A 242 1.91 10.67 -5.28
C HIS A 242 0.68 11.39 -4.75
N LEU A 243 0.00 12.12 -5.61
CA LEU A 243 -1.24 12.80 -5.22
C LEU A 243 -2.35 11.85 -4.85
N ILE A 244 -2.61 10.89 -5.72
CA ILE A 244 -3.70 9.97 -5.43
C ILE A 244 -3.38 9.11 -4.17
N GLY A 245 -2.12 8.69 -4.04
CA GLY A 245 -1.69 7.87 -2.96
C GLY A 245 -1.75 8.64 -1.65
N GLU A 246 -1.42 9.93 -1.68
CA GLU A 246 -1.69 10.77 -0.49
C GLU A 246 -3.12 10.78 -0.03
N TYR A 247 -4.02 10.97 -0.99
CA TYR A 247 -5.45 11.05 -0.71
C TYR A 247 -5.90 9.70 -0.13
N PHE A 248 -5.33 8.61 -0.67
CA PHE A 248 -5.75 7.31 -0.20
C PHE A 248 -5.40 7.14 1.29
N GLN A 249 -4.22 7.59 1.63
CA GLN A 249 -3.74 7.50 3.01
C GLN A 249 -4.47 8.44 3.98
N VAL A 250 -4.89 9.60 3.52
CA VAL A 250 -5.65 10.50 4.37
C VAL A 250 -6.96 9.84 4.70
N GLN A 251 -7.64 9.31 3.70
CA GLN A 251 -8.83 8.46 3.92
C GLN A 251 -8.68 7.32 4.92
N ASP A 252 -7.62 6.58 4.74
CA ASP A 252 -7.25 5.53 5.69
C ASP A 252 -7.10 6.12 7.11
N ASP A 253 -6.42 7.23 7.23
CA ASP A 253 -6.21 7.82 8.55
C ASP A 253 -7.53 8.23 9.18
N VAL A 254 -8.42 8.83 8.40
CA VAL A 254 -9.72 9.22 8.93
C VAL A 254 -10.54 8.02 9.44
N MET A 255 -10.55 6.98 8.64
CA MET A 255 -11.20 5.67 8.92
C MET A 255 -10.60 4.99 10.16
N ASP A 256 -9.28 5.05 10.32
CA ASP A 256 -8.65 4.53 11.56
C ASP A 256 -9.42 4.99 12.82
N CYS A 257 -9.68 6.30 12.84
CA CYS A 257 -10.26 6.99 13.97
C CYS A 257 -11.77 6.79 13.98
N PHE A 258 -12.42 6.88 12.84
CA PHE A 258 -13.91 7.06 12.88
C PHE A 258 -14.77 5.95 12.31
N THR A 259 -14.21 5.02 11.54
CA THR A 259 -14.96 3.89 11.01
C THR A 259 -15.09 2.81 12.11
N PRO A 260 -16.33 2.34 12.43
CA PRO A 260 -16.47 1.25 13.42
C PRO A 260 -15.65 0.01 13.08
N PRO A 261 -15.10 -0.69 14.11
CA PRO A 261 -14.16 -1.80 13.83
C PRO A 261 -14.60 -2.95 12.86
N GLU A 262 -15.87 -3.36 12.92
CA GLU A 262 -16.39 -4.41 12.01
C GLU A 262 -16.28 -4.01 10.53
N GLN A 263 -16.47 -2.72 10.21
CA GLN A 263 -16.31 -2.22 8.86
C GLN A 263 -14.83 -2.04 8.49
N LEU A 264 -14.04 -1.49 9.42
CA LEU A 264 -12.58 -1.38 9.23
C LEU A 264 -11.93 -2.77 9.13
N GLY A 265 -12.46 -3.78 9.85
CA GLY A 265 -11.76 -5.08 10.00
C GLY A 265 -10.68 -5.09 11.10
N LYS A 266 -10.69 -4.05 11.96
CA LYS A 266 -9.58 -3.71 12.89
C LYS A 266 -10.09 -2.65 13.89
N VAL A 267 -9.72 -2.75 15.20
CA VAL A 267 -9.75 -1.61 16.16
C VAL A 267 -8.56 -0.70 15.71
N GLY A 268 -8.85 0.53 15.28
CA GLY A 268 -7.80 1.46 14.89
C GLY A 268 -7.07 1.88 16.16
N THR A 269 -5.74 1.96 16.13
CA THR A 269 -4.96 2.43 17.30
C THR A 269 -4.00 3.59 16.94
N ASP A 270 -4.26 4.41 15.92
CA ASP A 270 -3.30 5.47 15.62
C ASP A 270 -3.09 6.49 16.72
N ILE A 271 -4.16 6.82 17.42
CA ILE A 271 -4.05 7.79 18.52
C ILE A 271 -3.19 7.23 19.66
N GLU A 272 -3.41 5.95 20.02
CA GLU A 272 -2.64 5.35 21.13
C GLU A 272 -1.19 5.19 20.70
N ASP A 273 -0.98 4.97 19.39
CA ASP A 273 0.32 4.76 18.80
C ASP A 273 1.08 6.04 18.44
N ALA A 274 0.48 7.19 18.75
CA ALA A 274 1.03 8.53 18.54
C ALA A 274 1.35 8.76 17.09
N LYS A 275 0.55 8.22 16.19
CA LYS A 275 1.00 8.35 14.81
C LYS A 275 0.86 9.77 14.27
N CYS A 276 1.74 10.12 13.34
CA CYS A 276 1.59 11.36 12.59
C CYS A 276 0.54 11.17 11.52
N SER A 277 -0.70 11.24 11.91
CA SER A 277 -1.82 11.02 11.01
C SER A 277 -2.37 12.32 10.43
N TRP A 278 -3.17 12.22 9.40
CA TRP A 278 -3.75 13.43 8.87
C TRP A 278 -4.62 14.21 9.89
N LEU A 279 -5.28 13.49 10.77
CA LEU A 279 -6.20 14.07 11.71
C LEU A 279 -5.32 14.87 12.68
N ALA A 280 -4.20 14.30 13.13
CA ALA A 280 -3.38 14.99 14.15
C ALA A 280 -2.73 16.25 13.60
N VAL A 281 -2.14 16.14 12.39
CA VAL A 281 -1.52 17.25 11.74
C VAL A 281 -2.53 18.38 11.47
N THR A 282 -3.73 18.03 10.98
CA THR A 282 -4.73 18.97 10.60
C THR A 282 -5.35 19.68 11.82
N PHE A 283 -5.64 18.90 12.84
CA PHE A 283 -6.02 19.43 14.18
C PHE A 283 -5.00 20.45 14.65
N LEU A 284 -3.75 20.07 14.62
CA LEU A 284 -2.69 20.98 15.08
C LEU A 284 -2.56 22.22 14.16
N GLY A 285 -2.98 22.10 12.92
CA GLY A 285 -3.00 23.27 12.01
C GLY A 285 -4.12 24.24 12.29
N LYS A 286 -5.11 23.88 13.12
CA LYS A 286 -6.22 24.86 13.36
C LYS A 286 -6.59 25.10 14.85
N ALA A 287 -5.97 24.34 15.72
CA ALA A 287 -6.35 24.37 17.14
C ALA A 287 -5.87 25.66 17.81
N ASN A 288 -6.57 26.09 18.86
CA ASN A 288 -6.01 27.11 19.75
C ASN A 288 -5.06 26.55 20.83
N ALA A 289 -4.51 27.44 21.63
CA ALA A 289 -3.58 27.07 22.66
C ALA A 289 -4.13 26.01 23.61
N ALA A 290 -5.32 26.22 24.12
CA ALA A 290 -5.92 25.26 25.06
C ALA A 290 -6.21 23.88 24.41
N GLN A 291 -6.69 23.88 23.17
CA GLN A 291 -6.91 22.64 22.41
C GLN A 291 -5.56 21.93 22.18
N VAL A 292 -4.51 22.68 21.85
CA VAL A 292 -3.18 22.06 21.70
C VAL A 292 -2.73 21.42 22.99
N ALA A 293 -2.89 22.11 24.12
CA ALA A 293 -2.35 21.64 25.38
C ALA A 293 -3.11 20.40 25.80
N GLU A 294 -4.43 20.35 25.54
CA GLU A 294 -5.25 19.14 25.83
C GLU A 294 -4.87 17.97 24.92
N PHE A 295 -4.54 18.29 23.67
CA PHE A 295 -4.03 17.24 22.78
C PHE A 295 -2.77 16.65 23.29
N LYS A 296 -1.85 17.47 23.72
CA LYS A 296 -0.56 16.98 24.14
C LYS A 296 -0.74 16.17 25.40
N ALA A 297 -1.70 16.54 26.26
CA ALA A 297 -1.89 15.73 27.51
C ALA A 297 -2.48 14.37 27.31
N ASN A 298 -3.09 14.09 26.17
CA ASN A 298 -3.83 12.83 26.00
C ASN A 298 -3.32 11.97 24.83
N TYR A 299 -2.56 12.56 23.87
CA TYR A 299 -2.20 11.77 22.66
C TYR A 299 -1.12 10.71 23.01
N GLY A 300 -1.13 9.58 22.32
CA GLY A 300 -0.06 8.64 22.43
C GLY A 300 -0.14 7.71 23.65
N GLU A 301 -1.33 7.49 24.17
CA GLU A 301 -1.51 6.70 25.41
C GLU A 301 -2.64 5.73 25.23
N LYS A 302 -2.40 4.49 25.66
CA LYS A 302 -3.42 3.44 25.61
C LYS A 302 -4.76 3.74 26.38
N ASP A 303 -4.65 4.41 27.52
CA ASP A 303 -5.80 4.69 28.35
C ASP A 303 -7.03 5.17 27.53
N PRO A 304 -8.13 4.39 27.50
CA PRO A 304 -9.27 4.77 26.67
C PRO A 304 -9.92 6.10 26.97
N ALA A 305 -9.92 6.56 28.23
CA ALA A 305 -10.39 7.91 28.58
C ALA A 305 -9.55 8.99 27.80
N LYS A 306 -8.25 8.72 27.65
CA LYS A 306 -7.36 9.67 26.94
C LYS A 306 -7.60 9.67 25.41
N VAL A 307 -7.80 8.47 24.87
CA VAL A 307 -8.13 8.28 23.46
C VAL A 307 -9.46 8.95 23.13
N ALA A 308 -10.45 8.85 24.01
CA ALA A 308 -11.72 9.53 23.81
C ALA A 308 -11.60 11.03 23.84
N VAL A 309 -10.72 11.57 24.68
CA VAL A 309 -10.55 12.99 24.76
C VAL A 309 -10.01 13.44 23.36
N VAL A 310 -9.02 12.69 22.85
CA VAL A 310 -8.45 13.04 21.51
C VAL A 310 -9.55 12.95 20.45
N LYS A 311 -10.36 11.87 20.44
CA LYS A 311 -11.43 11.74 19.44
C LYS A 311 -12.46 12.86 19.54
N ARG A 312 -12.70 13.34 20.76
CA ARG A 312 -13.63 14.46 20.96
C ARG A 312 -12.99 15.74 20.41
N LEU A 313 -11.71 15.99 20.72
CA LEU A 313 -10.98 17.12 20.21
C LEU A 313 -11.08 17.24 18.70
N TYR A 314 -11.00 16.07 18.05
CA TYR A 314 -11.08 16.01 16.58
C TYR A 314 -12.48 16.38 16.04
N SER A 315 -13.51 15.76 16.60
CA SER A 315 -14.91 16.09 16.27
C SER A 315 -15.19 17.59 16.44
N LYS A 316 -14.95 18.11 17.63
CA LYS A 316 -15.22 19.52 17.88
C LYS A 316 -14.34 20.50 17.08
N ALA A 317 -13.20 20.04 16.53
CA ALA A 317 -12.44 20.85 15.61
C ALA A 317 -13.02 20.86 14.19
N ASN A 318 -14.08 20.12 13.90
CA ASN A 318 -14.71 20.18 12.59
C ASN A 318 -13.69 19.91 11.45
N LEU A 319 -12.98 18.77 11.58
CA LEU A 319 -11.98 18.39 10.60
C LEU A 319 -12.62 17.93 9.31
N GLN A 320 -13.88 17.53 9.38
CA GLN A 320 -14.69 17.27 8.17
C GLN A 320 -14.61 18.37 7.13
N ALA A 321 -14.69 19.63 7.59
CA ALA A 321 -14.49 20.77 6.70
C ALA A 321 -13.11 20.76 6.07
N ASP A 322 -12.08 20.59 6.87
CA ASP A 322 -10.76 20.52 6.26
C ASP A 322 -10.64 19.33 5.28
N PHE A 323 -11.22 18.19 5.61
CA PHE A 323 -11.17 17.05 4.71
C PHE A 323 -11.86 17.43 3.38
N ALA A 324 -12.99 18.10 3.45
CA ALA A 324 -13.73 18.44 2.21
C ALA A 324 -12.92 19.40 1.36
N ALA A 325 -12.24 20.35 1.98
CA ALA A 325 -11.37 21.32 1.28
C ALA A 325 -10.15 20.62 0.64
N TYR A 326 -9.53 19.73 1.44
CA TYR A 326 -8.44 18.89 0.93
C TYR A 326 -8.96 18.05 -0.25
N GLU A 327 -10.10 17.42 -0.10
CA GLU A 327 -10.68 16.60 -1.20
C GLU A 327 -10.91 17.42 -2.47
N ALA A 328 -11.47 18.62 -2.31
CA ALA A 328 -11.62 19.50 -3.45
C ALA A 328 -10.35 19.90 -4.15
N GLU A 329 -9.30 20.15 -3.39
CA GLU A 329 -8.07 20.50 -4.01
C GLU A 329 -7.44 19.30 -4.79
N VAL A 330 -7.53 18.12 -4.18
CA VAL A 330 -6.99 16.92 -4.85
C VAL A 330 -7.79 16.67 -6.14
N VAL A 331 -9.12 16.76 -6.11
CA VAL A 331 -9.91 16.62 -7.38
C VAL A 331 -9.36 17.61 -8.45
N ARG A 332 -9.07 18.86 -8.08
CA ARG A 332 -8.50 19.78 -9.08
C ARG A 332 -7.22 19.28 -9.65
N GLU A 333 -6.27 18.93 -8.76
CA GLU A 333 -4.95 18.57 -9.15
C GLU A 333 -4.94 17.27 -9.95
N VAL A 334 -5.82 16.34 -9.55
CA VAL A 334 -5.82 15.01 -10.20
C VAL A 334 -6.43 15.18 -11.58
N GLU A 335 -7.53 15.93 -11.66
CA GLU A 335 -8.09 16.24 -13.01
C GLU A 335 -7.09 16.97 -13.91
N SER A 336 -6.33 17.93 -13.36
CA SER A 336 -5.29 18.59 -14.12
C SER A 336 -4.23 17.65 -14.65
N LEU A 337 -3.77 16.74 -13.78
CA LEU A 337 -2.82 15.77 -14.20
C LEU A 337 -3.33 14.79 -15.24
N ILE A 338 -4.57 14.33 -15.09
CA ILE A 338 -5.22 13.52 -16.08
C ILE A 338 -5.25 14.25 -17.48
N GLU A 339 -5.58 15.54 -17.49
CA GLU A 339 -5.54 16.26 -18.73
C GLU A 339 -4.18 16.36 -19.33
N GLN A 340 -3.12 16.57 -18.54
CA GLN A 340 -1.80 16.62 -19.06
C GLN A 340 -1.39 15.24 -19.67
N LEU A 341 -1.81 14.16 -19.01
CA LEU A 341 -1.51 12.79 -19.44
C LEU A 341 -2.13 12.51 -20.84
N LYS A 342 -3.32 13.07 -21.11
CA LYS A 342 -3.97 12.99 -22.46
C LYS A 342 -3.14 13.50 -23.62
N VAL A 343 -2.18 14.37 -23.38
CA VAL A 343 -1.31 14.91 -24.45
C VAL A 343 -0.57 13.79 -25.20
N LYS A 344 0.14 12.95 -24.46
CA LYS A 344 0.82 11.79 -25.04
C LYS A 344 0.06 10.50 -24.96
N SER A 345 -0.76 10.20 -23.93
CA SER A 345 -1.58 8.94 -23.96
C SER A 345 -2.92 9.06 -23.36
N PRO A 346 -3.91 9.24 -24.23
CA PRO A 346 -5.30 9.29 -23.79
C PRO A 346 -5.78 8.00 -23.14
N THR A 347 -5.24 6.88 -23.63
CA THR A 347 -5.64 5.62 -23.08
C THR A 347 -5.14 5.51 -21.63
N PHE A 348 -3.89 5.87 -21.42
CA PHE A 348 -3.37 5.77 -20.07
C PHE A 348 -4.08 6.77 -19.15
N ALA A 349 -4.33 7.98 -19.63
CA ALA A 349 -5.07 8.96 -18.85
C ALA A 349 -6.40 8.40 -18.35
N GLU A 350 -7.06 7.62 -19.21
CA GLU A 350 -8.34 6.99 -18.78
C GLU A 350 -8.17 5.93 -17.69
N SER A 351 -7.07 5.18 -17.76
CA SER A 351 -6.80 4.24 -16.70
C SER A 351 -6.60 4.95 -15.41
N VAL A 352 -5.85 6.07 -15.45
CA VAL A 352 -5.66 6.89 -14.28
C VAL A 352 -6.95 7.50 -13.78
N ALA A 353 -7.82 7.94 -14.69
CA ALA A 353 -9.13 8.38 -14.24
C ALA A 353 -9.86 7.26 -13.50
N VAL A 354 -9.79 6.01 -14.03
CA VAL A 354 -10.48 4.91 -13.30
C VAL A 354 -9.91 4.65 -11.89
N VAL A 355 -8.60 4.63 -11.80
CA VAL A 355 -7.89 4.50 -10.53
C VAL A 355 -8.33 5.55 -9.52
N TRP A 356 -8.38 6.81 -9.99
CA TRP A 356 -8.89 7.90 -9.18
C TRP A 356 -10.32 7.65 -8.72
N GLU A 357 -11.25 7.28 -9.62
CA GLU A 357 -12.67 7.02 -9.18
C GLU A 357 -12.78 5.94 -8.14
N LYS A 358 -12.07 4.82 -8.35
CA LYS A 358 -12.11 3.73 -7.41
C LYS A 358 -11.57 4.14 -6.00
N THR A 359 -10.64 5.06 -5.97
CA THR A 359 -10.11 5.60 -4.74
C THR A 359 -11.04 6.62 -4.04
N HIS A 360 -11.47 7.58 -4.84
CA HIS A 360 -12.39 8.65 -4.45
C HIS A 360 -13.70 8.14 -3.86
N LYS A 361 -14.38 7.21 -4.52
CA LYS A 361 -15.69 6.69 -4.04
C LYS A 361 -15.64 5.72 -2.85
N ARG A 362 -14.72 4.74 -2.88
CA ARG A 362 -14.79 3.48 -2.06
C ARG A 362 -15.61 3.44 -0.75
#